data_5EMA
#
_entry.id   5EMA
#
_cell.length_a   37.171
_cell.length_b   48.490
_cell.length_c   56.229
_cell.angle_alpha   90.00
_cell.angle_beta   90.00
_cell.angle_gamma   90.00
#
_symmetry.space_group_name_H-M   'P 21 21 21'
#
loop_
_entity.id
_entity.type
_entity.pdbx_description
1 polymer 'Sorting nexin-27'
2 polymer ASP-ASP-ILE-SEP-THR-VAL-VAL
3 non-polymer GLYCEROL
4 water water
#
loop_
_entity_poly.entity_id
_entity_poly.type
_entity_poly.pdbx_seq_one_letter_code
_entity_poly.pdbx_strand_id
1 'polypeptide(L)'
;GSHGGSPRVVRIVKSESGYGFNVRGQVSEGGQLRSINGELYAPLQHVSAVLPGGAADRAGVRKGDRILEVNGVNVEGATH
KQVVDLIRAGEKELILTVLSV
;
A
2 'polypeptide(L)' PDDI(SEP)TVV B
#
# COMPACT_ATOMS: atom_id res chain seq x y z
N SER A 6 7.46 -13.45 0.59
CA SER A 6 6.48 -13.62 -0.46
C SER A 6 5.24 -12.78 -0.16
N PRO A 7 4.48 -12.41 -1.20
CA PRO A 7 3.27 -11.59 -0.98
C PRO A 7 2.26 -12.21 -0.06
N ARG A 8 1.58 -11.38 0.71
CA ARG A 8 0.58 -11.83 1.70
C ARG A 8 -0.56 -10.85 1.65
N VAL A 9 -1.75 -11.30 2.01
CA VAL A 9 -2.94 -10.48 1.98
C VAL A 9 -3.31 -10.08 3.41
N VAL A 10 -3.59 -8.79 3.61
CA VAL A 10 -4.03 -8.26 4.90
C VAL A 10 -5.35 -7.50 4.72
N ARG A 11 -6.28 -7.72 5.65
CA ARG A 11 -7.53 -6.99 5.70
C ARG A 11 -7.47 -5.99 6.85
N ILE A 12 -7.89 -4.76 6.59
CA ILE A 12 -7.82 -3.67 7.56
C ILE A 12 -9.18 -3.00 7.58
N VAL A 13 -9.72 -2.78 8.78
CA VAL A 13 -10.97 -2.06 8.93
C VAL A 13 -10.69 -0.72 9.56
N LYS A 14 -11.21 0.31 8.93
CA LYS A 14 -10.98 1.70 9.24
C LYS A 14 -11.47 2.02 10.62
N SER A 15 -10.63 2.70 11.39
CA SER A 15 -11.02 3.42 12.58
C SER A 15 -11.52 4.77 12.10
N GLU A 16 -12.12 5.57 12.98
CA GLU A 16 -12.60 6.86 12.55
C GLU A 16 -11.42 7.82 12.34
N SER A 17 -10.24 7.40 12.80
CA SER A 17 -8.98 8.08 12.49
C SER A 17 -8.36 7.64 11.16
N GLY A 18 -8.94 6.61 10.54
CA GLY A 18 -8.44 6.08 9.28
C GLY A 18 -7.84 4.70 9.44
N TYR A 19 -7.09 4.29 8.42
CA TYR A 19 -6.42 2.99 8.44
C TYR A 19 -5.15 2.99 9.26
N GLY A 20 -4.63 4.16 9.56
CA GLY A 20 -3.43 4.25 10.37
C GLY A 20 -2.11 3.92 9.68
N PHE A 21 -1.97 4.33 8.43
CA PHE A 21 -0.68 4.21 7.76
C PHE A 21 -0.55 5.30 6.72
N ASN A 22 0.68 5.51 6.27
CA ASN A 22 0.97 6.41 5.17
C ASN A 22 1.44 5.56 3.99
N VAL A 23 1.05 5.96 2.80
CA VAL A 23 1.49 5.34 1.55
C VAL A 23 2.33 6.34 0.79
N ARG A 24 3.46 5.88 0.29
CA ARG A 24 4.44 6.73 -0.37
C ARG A 24 4.89 6.09 -1.68
N GLY A 25 5.06 6.92 -2.70
CA GLY A 25 5.63 6.43 -3.95
C GLY A 25 5.46 7.41 -5.06
N GLN A 26 5.67 6.92 -6.27
CA GLN A 26 5.83 7.79 -7.44
C GLN A 26 4.53 8.41 -7.88
N VAL A 27 4.64 9.60 -8.45
CA VAL A 27 3.49 10.31 -8.99
C VAL A 27 3.05 9.74 -10.33
N SER A 28 4.02 9.40 -11.17
CA SER A 28 3.75 8.97 -12.52
C SER A 28 3.45 7.47 -12.61
N GLU A 29 3.12 7.01 -13.82
CA GLU A 29 2.82 5.63 -14.13
C GLU A 29 4.06 4.93 -14.68
N GLY A 30 4.22 3.66 -14.37
CA GLY A 30 5.25 2.87 -15.03
C GLY A 30 6.60 3.15 -14.47
N GLY A 31 7.62 3.04 -15.31
CA GLY A 31 8.96 3.34 -14.91
C GLY A 31 9.87 2.15 -14.77
N GLN A 32 11.11 2.44 -14.42
CA GLN A 32 12.18 1.46 -14.38
C GLN A 32 11.87 0.31 -13.43
N LEU A 33 12.22 -0.90 -13.83
CA LEU A 33 12.01 -2.05 -12.97
C LEU A 33 12.99 -2.03 -11.82
N ARG A 34 12.55 -2.58 -10.71
CA ARG A 34 13.37 -2.70 -9.52
C ARG A 34 13.00 -3.98 -8.82
N SER A 35 13.99 -4.76 -8.43
CA SER A 35 13.71 -5.98 -7.71
C SER A 35 13.36 -5.67 -6.25
N ILE A 36 12.37 -6.40 -5.75
CA ILE A 36 11.96 -6.32 -4.34
C ILE A 36 12.04 -7.74 -3.81
N ASN A 37 12.88 -7.93 -2.79
CA ASN A 37 13.16 -9.26 -2.25
C ASN A 37 13.57 -10.24 -3.33
N GLY A 38 14.34 -9.76 -4.29
CA GLY A 38 14.87 -10.64 -5.33
C GLY A 38 13.92 -10.99 -6.46
N GLU A 39 12.73 -10.38 -6.47
CA GLU A 39 11.74 -10.60 -7.51
C GLU A 39 11.52 -9.31 -8.27
N LEU A 40 11.38 -9.41 -9.58
CA LEU A 40 11.33 -8.24 -10.44
C LEU A 40 9.92 -7.64 -10.51
N TYR A 41 9.81 -6.33 -10.31
CA TYR A 41 8.52 -5.64 -10.42
C TYR A 41 8.74 -4.27 -11.03
N ALA A 42 7.70 -3.74 -11.66
CA ALA A 42 7.61 -2.31 -11.92
C ALA A 42 7.51 -1.55 -10.59
N PRO A 43 7.65 -0.22 -10.62
CA PRO A 43 7.68 0.52 -9.35
C PRO A 43 6.45 0.27 -8.47
N LEU A 44 6.69 0.05 -7.18
CA LEU A 44 5.62 -0.18 -6.21
C LEU A 44 5.55 0.94 -5.19
N GLN A 45 4.34 1.39 -4.88
CA GLN A 45 4.13 2.24 -3.72
C GLN A 45 4.46 1.43 -2.46
N HIS A 46 4.75 2.10 -1.36
CA HIS A 46 5.09 1.41 -0.13
C HIS A 46 4.55 2.14 1.10
N VAL A 47 4.55 1.41 2.21
CA VAL A 47 4.07 1.94 3.47
C VAL A 47 5.23 2.71 4.15
N SER A 48 5.07 4.02 4.24
CA SER A 48 6.11 4.89 4.80
C SER A 48 5.93 5.18 6.29
N ALA A 49 4.79 4.83 6.87
CA ALA A 49 4.56 5.01 8.31
C ALA A 49 3.44 4.12 8.73
N VAL A 50 3.51 3.63 9.95
CA VAL A 50 2.43 2.88 10.58
C VAL A 50 2.17 3.47 11.97
N LEU A 51 0.93 3.89 12.20
CA LEU A 51 0.52 4.41 13.49
C LEU A 51 0.51 3.30 14.54
N PRO A 52 1.27 3.42 15.62
CA PRO A 52 1.24 2.37 16.64
C PRO A 52 -0.16 2.20 17.21
N GLY A 53 -0.61 0.95 17.24
CA GLY A 53 -1.93 0.66 17.78
C GLY A 53 -3.08 0.94 16.82
N GLY A 54 -2.80 1.49 15.65
CA GLY A 54 -3.85 1.73 14.69
C GLY A 54 -4.27 0.47 13.96
N ALA A 55 -5.21 0.62 13.04
CA ALA A 55 -5.81 -0.52 12.37
C ALA A 55 -4.77 -1.29 11.55
N ALA A 56 -3.92 -0.58 10.82
CA ALA A 56 -2.91 -1.24 9.99
C ALA A 56 -1.91 -1.98 10.85
N ASP A 57 -1.46 -1.34 11.93
CA ASP A 57 -0.54 -1.98 12.87
C ASP A 57 -1.15 -3.27 13.39
N ARG A 58 -2.40 -3.21 13.83
CA ARG A 58 -3.07 -4.38 14.40
C ARG A 58 -3.22 -5.51 13.37
N ALA A 59 -3.36 -5.14 12.10
CA ALA A 59 -3.50 -6.11 11.01
C ALA A 59 -2.17 -6.68 10.54
N GLY A 60 -1.07 -6.14 11.02
CA GLY A 60 0.25 -6.67 10.71
C GLY A 60 1.00 -5.95 9.59
N VAL A 61 0.51 -4.78 9.19
CA VAL A 61 1.24 -3.94 8.22
C VAL A 61 2.50 -3.35 8.87
N ARG A 62 3.60 -3.33 8.13
CA ARG A 62 4.87 -2.83 8.65
C ARG A 62 5.45 -1.77 7.75
N LYS A 63 6.22 -0.86 8.33
CA LYS A 63 6.98 0.10 7.59
C LYS A 63 7.79 -0.61 6.54
N GLY A 64 7.78 -0.02 5.36
CA GLY A 64 8.52 -0.56 4.24
C GLY A 64 7.75 -1.56 3.40
N ASP A 65 6.60 -2.04 3.85
CA ASP A 65 5.83 -2.98 3.04
C ASP A 65 5.55 -2.38 1.68
N ARG A 66 5.78 -3.16 0.64
CA ARG A 66 5.47 -2.75 -0.72
C ARG A 66 4.09 -3.23 -1.07
N ILE A 67 3.34 -2.40 -1.78
CA ILE A 67 1.94 -2.68 -2.09
C ILE A 67 1.81 -3.20 -3.52
N LEU A 68 1.40 -4.46 -3.65
CA LEU A 68 1.23 -5.12 -4.94
C LEU A 68 -0.19 -5.05 -5.47
N GLU A 69 -1.14 -5.10 -4.56
CA GLU A 69 -2.57 -5.01 -4.91
C GLU A 69 -3.30 -4.22 -3.86
N VAL A 70 -4.34 -3.52 -4.31
CA VAL A 70 -5.26 -2.84 -3.39
C VAL A 70 -6.65 -3.26 -3.79
N ASN A 71 -7.38 -3.84 -2.85
CA ASN A 71 -8.75 -4.28 -3.07
C ASN A 71 -8.90 -5.15 -4.34
N GLY A 72 -7.96 -6.04 -4.49
CA GLY A 72 -8.01 -6.98 -5.59
C GLY A 72 -7.54 -6.46 -6.93
N VAL A 73 -7.05 -5.23 -6.99
CA VAL A 73 -6.59 -4.61 -8.22
C VAL A 73 -5.08 -4.51 -8.16
N ASN A 74 -4.42 -5.02 -9.19
CA ASN A 74 -3.00 -4.94 -9.29
C ASN A 74 -2.53 -3.50 -9.47
N VAL A 75 -1.57 -3.09 -8.63
CA VAL A 75 -1.05 -1.74 -8.64
C VAL A 75 0.45 -1.67 -8.89
N GLU A 76 0.98 -2.71 -9.52
N GLU A 76 1.00 -2.71 -9.50
CA GLU A 76 2.35 -2.68 -9.97
CA GLU A 76 2.38 -2.67 -9.94
C GLU A 76 2.48 -1.54 -11.00
C GLU A 76 2.50 -1.56 -10.99
N GLY A 77 3.45 -0.66 -10.81
CA GLY A 77 3.65 0.46 -11.69
C GLY A 77 2.62 1.58 -11.58
N ALA A 78 1.71 1.49 -10.62
CA ALA A 78 0.61 2.43 -10.53
C ALA A 78 1.04 3.81 -10.12
N THR A 79 0.25 4.81 -10.49
CA THR A 79 0.44 6.15 -9.97
C THR A 79 0.04 6.21 -8.50
N HIS A 80 0.58 7.19 -7.79
CA HIS A 80 0.20 7.40 -6.41
C HIS A 80 -1.30 7.63 -6.30
N LYS A 81 -1.86 8.44 -7.19
CA LYS A 81 -3.28 8.76 -7.16
C LYS A 81 -4.10 7.49 -7.30
N GLN A 82 -3.70 6.61 -8.21
CA GLN A 82 -4.46 5.37 -8.41
C GLN A 82 -4.51 4.54 -7.13
N VAL A 83 -3.38 4.45 -6.44
CA VAL A 83 -3.31 3.67 -5.22
C VAL A 83 -4.13 4.30 -4.10
N VAL A 84 -4.05 5.61 -3.95
CA VAL A 84 -4.84 6.29 -2.93
C VAL A 84 -6.34 6.14 -3.23
N ASP A 85 -6.71 6.33 -4.49
CA ASP A 85 -8.12 6.18 -4.87
C ASP A 85 -8.61 4.76 -4.56
N LEU A 86 -7.80 3.77 -4.85
CA LEU A 86 -8.17 2.38 -4.51
C LEU A 86 -8.29 2.17 -3.02
N ILE A 87 -7.39 2.74 -2.24
CA ILE A 87 -7.47 2.62 -0.80
C ILE A 87 -8.79 3.21 -0.27
N ARG A 88 -9.24 4.27 -0.93
CA ARG A 88 -10.49 4.95 -0.57
C ARG A 88 -11.74 4.30 -1.16
N ALA A 89 -11.61 3.18 -1.87
CA ALA A 89 -12.77 2.60 -2.57
C ALA A 89 -13.85 2.14 -1.60
N GLY A 90 -13.47 1.54 -0.47
CA GLY A 90 -14.44 1.02 0.48
C GLY A 90 -14.82 2.01 1.56
N GLU A 91 -16.03 1.91 2.08
N GLU A 91 -16.03 1.83 2.10
CA GLU A 91 -16.42 2.76 3.19
CA GLU A 91 -16.54 2.65 3.21
C GLU A 91 -15.58 2.52 4.43
C GLU A 91 -15.70 2.48 4.47
N LYS A 92 -15.27 1.26 4.73
CA LYS A 92 -14.50 0.96 5.92
C LYS A 92 -13.51 -0.18 5.82
N GLU A 93 -13.61 -1.03 4.81
CA GLU A 93 -12.69 -2.13 4.67
C GLU A 93 -11.71 -1.92 3.52
N LEU A 94 -10.49 -2.39 3.76
CA LEU A 94 -9.40 -2.34 2.82
C LEU A 94 -8.69 -3.68 2.82
N ILE A 95 -8.44 -4.22 1.64
CA ILE A 95 -7.64 -5.44 1.52
C ILE A 95 -6.42 -5.10 0.70
N LEU A 96 -5.24 -5.41 1.23
CA LEU A 96 -3.97 -5.17 0.55
C LEU A 96 -3.24 -6.46 0.32
N THR A 97 -2.54 -6.53 -0.80
CA THR A 97 -1.50 -7.54 -0.98
C THR A 97 -0.18 -6.82 -0.83
N VAL A 98 0.60 -7.22 0.16
CA VAL A 98 1.87 -6.57 0.47
C VAL A 98 3.03 -7.54 0.45
N LEU A 99 4.21 -6.97 0.30
CA LEU A 99 5.48 -7.67 0.34
C LEU A 99 6.33 -7.00 1.39
N SER A 100 6.68 -7.72 2.46
CA SER A 100 7.52 -7.15 3.51
C SER A 100 8.98 -7.24 3.15
N VAL A 101 9.74 -6.20 3.46
CA VAL A 101 11.14 -6.13 3.04
C VAL A 101 12.06 -6.24 4.25
N ASP B 2 10.36 13.58 -7.18
CA ASP B 2 10.34 12.98 -5.81
C ASP B 2 9.04 12.23 -5.54
N ASP B 3 9.15 11.19 -4.72
CA ASP B 3 7.96 10.48 -4.28
C ASP B 3 7.09 11.40 -3.43
N ILE B 4 5.81 11.07 -3.30
CA ILE B 4 4.89 11.79 -2.43
C ILE B 4 4.20 10.81 -1.48
N THR B 6 0.80 10.08 1.36
CA THR B 6 -0.56 10.38 1.82
C THR B 6 -0.84 9.62 3.09
N VAL B 7 -1.44 10.30 4.07
CA VAL B 7 -1.94 9.65 5.27
C VAL B 7 -3.31 9.08 5.01
N VAL B 8 -3.51 7.80 5.29
CA VAL B 8 -4.81 7.15 5.04
C VAL B 8 -5.32 6.40 6.27
#